data_6W82
#
_entry.id   6W82
#
_cell.length_a   67.487
_cell.length_b   122.067
_cell.length_c   126.861
_cell.angle_alpha   90.00
_cell.angle_beta   90.00
_cell.angle_gamma   90.00
#
_symmetry.space_group_name_H-M   'P 21 21 21'
#
loop_
_entity.id
_entity.type
_entity.pdbx_description
1 polymer 'Potassium channel subfamily K member 2'
2 non-polymer 'CADMIUM ION'
3 non-polymer N-OCTANE
4 non-polymer DODECANE
5 non-polymer DECANE
6 non-polymer 'heptyl beta-D-glucopyranoside'
7 non-polymer 'POTASSIUM ION'
8 non-polymer PENTANE
9 non-polymer HEXADECANE
#
_entity_poly.entity_id   1
_entity_poly.type   'polypeptide(L)'
_entity_poly.pdbx_seq_one_letter_code
;MSFSSKPTVLASRVESDSAINVMKWKTVSTIFLVVVLYLIIGATVFKALEQPQEISQRTTIVIQREKFLRAHPCVSDQEL
DELIQQIVAAINAGIIPLGASSNQVSHWDLGSSFFFAGTVITTIGFGNISPRTEGGKIFCIIYALLGIPLFGFLLAGVGD
QLGTIFGKGIAKVEDTFIKWNVSQTKIRIISTIIFILFGCVLFVALPAVIFKHIEGWSALDAIYFVVITLTTIGFGDYVA
GGSDIEYLDFYKPVVWFWILVGLAYFAAVLSMIGDWLRVIAKKTKEAVGEFRAHAAEWTANVTSNSLEVLFQ
;
_entity_poly.pdbx_strand_id   A,B
#
loop_
_chem_comp.id
_chem_comp.type
_chem_comp.name
_chem_comp.formula
B7G D-saccharide 'heptyl beta-D-glucopyranoside' 'C13 H26 O6'
CD non-polymer 'CADMIUM ION' 'Cd 2'
D10 non-polymer DECANE 'C10 H22'
D12 non-polymer DODECANE 'C12 H26'
K non-polymer 'POTASSIUM ION' 'K 1'
LNK non-polymer PENTANE 'C5 H12'
OCT non-polymer N-OCTANE 'C8 H18'
R16 non-polymer HEXADECANE 'C16 H34'
#
# COMPACT_ATOMS: atom_id res chain seq x y z
N LYS A 24 -26.76 10.44 17.31
CA LYS A 24 -27.04 9.24 18.09
C LYS A 24 -27.01 8.02 17.19
N TRP A 25 -27.54 8.18 15.99
CA TRP A 25 -27.52 7.10 15.00
C TRP A 25 -26.10 6.84 14.51
N LYS A 26 -25.67 5.58 14.62
CA LYS A 26 -24.30 5.20 14.29
C LYS A 26 -24.03 5.33 12.80
N THR A 27 -24.76 4.55 11.99
CA THR A 27 -24.69 4.57 10.53
C THR A 27 -23.38 3.95 10.05
N VAL A 28 -22.50 3.65 10.98
CA VAL A 28 -21.24 2.99 10.66
C VAL A 28 -21.41 1.48 10.65
N SER A 29 -22.22 0.96 11.57
CA SER A 29 -22.50 -0.47 11.60
C SER A 29 -23.04 -0.96 10.26
N THR A 30 -23.95 -0.18 9.66
CA THR A 30 -24.50 -0.57 8.36
C THR A 30 -23.41 -0.57 7.28
N ILE A 31 -22.50 0.41 7.33
CA ILE A 31 -21.40 0.44 6.38
C ILE A 31 -20.43 -0.70 6.64
N PHE A 32 -20.25 -1.06 7.92
CA PHE A 32 -19.38 -2.18 8.27
C PHE A 32 -19.83 -3.46 7.59
N LEU A 33 -21.14 -3.75 7.64
CA LEU A 33 -21.65 -4.98 7.02
C LEU A 33 -21.56 -4.92 5.50
N VAL A 34 -21.67 -3.72 4.92
CA VAL A 34 -21.49 -3.60 3.47
C VAL A 34 -20.07 -4.00 3.07
N VAL A 35 -19.08 -3.60 3.87
CA VAL A 35 -17.69 -3.92 3.56
C VAL A 35 -17.42 -5.40 3.78
N VAL A 36 -17.87 -5.94 4.92
CA VAL A 36 -17.70 -7.37 5.18
C VAL A 36 -18.34 -8.19 4.07
N LEU A 37 -19.60 -7.87 3.73
CA LEU A 37 -20.25 -8.51 2.59
C LEU A 37 -19.46 -8.31 1.32
N TYR A 38 -18.93 -7.11 1.10
CA TYR A 38 -18.14 -6.84 -0.10
C TYR A 38 -16.85 -7.65 -0.11
N LEU A 39 -16.25 -7.85 1.07
CA LEU A 39 -15.06 -8.71 1.15
C LEU A 39 -15.42 -10.16 0.86
N ILE A 40 -16.55 -10.63 1.37
CA ILE A 40 -16.97 -12.02 1.13
C ILE A 40 -17.26 -12.23 -0.34
N ILE A 41 -17.86 -11.23 -1.00
CA ILE A 41 -18.09 -11.32 -2.44
C ILE A 41 -16.78 -11.44 -3.19
N GLY A 42 -15.86 -10.50 -2.94
CA GLY A 42 -14.57 -10.54 -3.62
C GLY A 42 -13.81 -11.82 -3.35
N ALA A 43 -13.83 -12.30 -2.11
CA ALA A 43 -13.10 -13.51 -1.76
C ALA A 43 -13.52 -14.69 -2.63
N THR A 44 -14.83 -14.98 -2.66
CA THR A 44 -15.32 -16.09 -3.47
C THR A 44 -14.97 -15.90 -4.94
N VAL A 45 -14.94 -14.65 -5.42
CA VAL A 45 -14.60 -14.41 -6.81
C VAL A 45 -13.11 -14.71 -7.05
N PHE A 46 -12.25 -14.35 -6.09
CA PHE A 46 -10.82 -14.57 -6.30
C PHE A 46 -10.46 -16.06 -6.28
N LYS A 47 -10.98 -16.81 -5.31
CA LYS A 47 -10.67 -18.25 -5.32
C LYS A 47 -11.36 -18.96 -6.46
N ALA A 48 -12.45 -18.40 -6.99
CA ALA A 48 -13.01 -18.91 -8.25
C ALA A 48 -12.10 -18.60 -9.43
N LEU A 49 -11.37 -17.49 -9.38
CA LEU A 49 -10.48 -17.07 -10.46
C LEU A 49 -9.07 -17.58 -10.30
N GLU A 50 -8.59 -17.77 -9.06
CA GLU A 50 -7.17 -18.03 -8.82
C GLU A 50 -6.87 -19.43 -8.32
N GLN A 51 -7.71 -20.01 -7.47
CA GLN A 51 -7.44 -21.34 -6.96
C GLN A 51 -7.32 -22.40 -8.05
N PRO A 52 -8.06 -22.34 -9.20
CA PRO A 52 -7.77 -23.30 -10.28
C PRO A 52 -6.36 -23.19 -10.84
N GLN A 53 -5.95 -22.00 -11.29
CA GLN A 53 -4.63 -21.87 -11.89
C GLN A 53 -3.52 -22.04 -10.85
N GLU A 54 -3.85 -22.01 -9.56
CA GLU A 54 -2.89 -22.38 -8.53
C GLU A 54 -2.55 -23.86 -8.63
N ILE A 55 -3.56 -24.71 -8.81
CA ILE A 55 -3.35 -26.15 -8.89
C ILE A 55 -2.55 -26.51 -10.13
N SER A 56 -2.84 -25.84 -11.25
CA SER A 56 -2.11 -26.09 -12.49
C SER A 56 -0.62 -25.87 -12.30
N GLN A 57 -0.25 -24.77 -11.64
CA GLN A 57 1.17 -24.46 -11.47
C GLN A 57 1.81 -25.40 -10.45
N ARG A 58 1.16 -25.61 -9.31
CA ARG A 58 1.71 -26.41 -8.22
C ARG A 58 1.70 -27.90 -8.50
N THR A 59 0.92 -28.37 -9.48
CA THR A 59 1.07 -29.74 -9.96
C THR A 59 2.13 -29.84 -11.05
N THR A 60 2.38 -28.77 -11.80
CA THR A 60 3.42 -28.77 -12.81
C THR A 60 4.78 -28.36 -12.25
N ILE A 61 4.85 -27.81 -11.04
CA ILE A 61 6.14 -27.64 -10.39
C ILE A 61 6.61 -28.96 -9.80
N VAL A 62 5.69 -29.79 -9.32
CA VAL A 62 6.01 -31.15 -8.96
C VAL A 62 6.51 -31.92 -10.19
N ILE A 63 6.11 -31.50 -11.39
CA ILE A 63 6.61 -32.13 -12.61
C ILE A 63 8.09 -31.84 -12.79
N GLN A 64 8.49 -30.55 -12.81
CA GLN A 64 9.90 -30.22 -13.01
C GLN A 64 10.77 -30.77 -11.90
N ARG A 65 10.23 -30.98 -10.70
CA ARG A 65 11.07 -31.44 -9.59
C ARG A 65 11.46 -32.89 -9.78
N GLU A 66 10.51 -33.76 -10.14
CA GLU A 66 10.87 -35.12 -10.48
C GLU A 66 11.53 -35.21 -11.85
N LYS A 67 11.28 -34.23 -12.72
CA LYS A 67 12.10 -34.09 -13.92
C LYS A 67 13.57 -33.94 -13.59
N PHE A 68 13.88 -33.12 -12.57
CA PHE A 68 15.28 -32.81 -12.28
C PHE A 68 16.01 -33.99 -11.66
N LEU A 69 15.35 -34.71 -10.76
CA LEU A 69 16.01 -35.86 -10.13
C LEU A 69 16.21 -37.00 -11.12
N ARG A 70 15.27 -37.20 -12.04
CA ARG A 70 15.43 -38.26 -13.04
C ARG A 70 16.42 -37.88 -14.11
N ALA A 71 16.42 -36.62 -14.54
CA ALA A 71 17.38 -36.15 -15.54
C ALA A 71 18.79 -36.05 -14.98
N HIS A 72 18.96 -36.11 -13.66
CA HIS A 72 20.27 -36.01 -13.02
C HIS A 72 20.31 -36.92 -11.81
N PRO A 73 20.59 -38.21 -12.01
CA PRO A 73 20.91 -39.07 -10.85
C PRO A 73 22.12 -38.57 -10.08
N CYS A 74 22.93 -37.71 -10.68
CA CYS A 74 23.97 -36.99 -9.96
C CYS A 74 23.42 -36.31 -8.72
N VAL A 75 22.23 -35.72 -8.82
CA VAL A 75 21.54 -35.10 -7.70
C VAL A 75 20.49 -36.09 -7.19
N SER A 76 20.25 -36.06 -5.88
CA SER A 76 19.29 -36.96 -5.25
C SER A 76 18.34 -36.16 -4.37
N ASP A 77 17.34 -36.86 -3.84
CA ASP A 77 16.43 -36.28 -2.87
C ASP A 77 17.18 -35.63 -1.70
N GLN A 78 18.03 -36.43 -1.05
CA GLN A 78 18.77 -35.95 0.12
C GLN A 78 19.74 -34.83 -0.20
N GLU A 79 19.89 -34.47 -1.49
CA GLU A 79 20.79 -33.42 -1.91
C GLU A 79 20.08 -32.18 -2.46
N LEU A 80 18.76 -32.26 -2.68
CA LEU A 80 18.01 -31.16 -3.30
C LEU A 80 17.35 -30.24 -2.28
N ASP A 81 16.82 -30.77 -1.18
CA ASP A 81 16.14 -29.92 -0.21
C ASP A 81 17.10 -28.89 0.37
N GLU A 82 18.36 -29.28 0.59
CA GLU A 82 19.37 -28.32 1.06
C GLU A 82 19.63 -27.23 0.02
N LEU A 83 19.47 -27.56 -1.27
CA LEU A 83 19.54 -26.53 -2.30
C LEU A 83 18.32 -25.61 -2.25
N ILE A 84 17.14 -26.19 -2.05
CA ILE A 84 15.92 -25.39 -2.04
C ILE A 84 15.90 -24.48 -0.82
N GLN A 85 16.26 -25.01 0.35
CA GLN A 85 16.17 -24.24 1.58
C GLN A 85 17.20 -23.11 1.61
N GLN A 86 18.33 -23.28 0.92
CA GLN A 86 19.29 -22.18 0.79
C GLN A 86 18.87 -21.19 -0.29
N ILE A 87 17.99 -21.59 -1.20
CA ILE A 87 17.29 -20.61 -2.02
C ILE A 87 16.18 -19.95 -1.20
N VAL A 88 15.55 -20.72 -0.31
CA VAL A 88 14.57 -20.15 0.61
C VAL A 88 15.26 -19.21 1.60
N ALA A 89 16.47 -19.53 2.03
CA ALA A 89 17.26 -18.56 2.78
C ALA A 89 17.59 -17.34 1.93
N ALA A 90 17.75 -17.54 0.62
CA ALA A 90 17.96 -16.42 -0.29
C ALA A 90 16.69 -15.63 -0.55
N ILE A 91 15.52 -16.20 -0.25
CA ILE A 91 14.28 -15.42 -0.31
C ILE A 91 14.35 -14.23 0.64
N ASN A 92 15.09 -14.37 1.73
CA ASN A 92 15.28 -13.25 2.65
C ASN A 92 16.22 -12.20 2.10
N ALA A 93 17.04 -12.53 1.10
CA ALA A 93 17.90 -11.54 0.45
C ALA A 93 17.56 -11.37 -1.03
N GLY A 94 17.50 -12.45 -1.80
CA GLY A 94 17.30 -12.35 -3.23
C GLY A 94 17.54 -13.66 -3.96
N SER A 106 24.08 -4.82 -7.74
CA SER A 106 23.90 -4.60 -6.30
C SER A 106 22.61 -3.84 -6.01
N HIS A 107 21.75 -4.43 -5.19
CA HIS A 107 20.63 -3.70 -4.64
C HIS A 107 21.13 -2.65 -3.66
N TRP A 108 20.22 -1.78 -3.23
CA TRP A 108 20.52 -0.70 -2.29
C TRP A 108 21.62 0.23 -2.80
N ASP A 109 21.84 0.31 -4.11
CA ASP A 109 22.94 1.11 -4.62
C ASP A 109 22.58 2.60 -4.53
N LEU A 110 23.39 3.45 -5.17
CA LEU A 110 23.21 4.89 -5.06
C LEU A 110 21.80 5.31 -5.47
N GLY A 111 21.22 4.64 -6.45
CA GLY A 111 19.90 4.99 -6.94
C GLY A 111 18.77 4.16 -6.38
N SER A 112 19.04 2.88 -6.09
CA SER A 112 17.98 1.98 -5.64
C SER A 112 17.44 2.39 -4.27
N SER A 113 18.32 2.82 -3.37
CA SER A 113 17.87 3.25 -2.06
C SER A 113 17.06 4.54 -2.13
N PHE A 114 17.27 5.36 -3.16
CA PHE A 114 16.42 6.52 -3.38
C PHE A 114 15.00 6.10 -3.70
N PHE A 115 14.84 5.14 -4.62
CA PHE A 115 13.51 4.66 -4.98
C PHE A 115 12.84 3.94 -3.81
N PHE A 116 13.62 3.22 -3.01
CA PHE A 116 13.09 2.60 -1.80
C PHE A 116 12.41 3.63 -0.90
N ALA A 117 13.09 4.74 -0.64
CA ALA A 117 12.48 5.81 0.14
C ALA A 117 11.28 6.41 -0.60
N GLY A 118 11.32 6.42 -1.92
CA GLY A 118 10.17 6.89 -2.69
C GLY A 118 8.94 6.03 -2.48
N THR A 119 9.12 4.74 -2.23
CA THR A 119 7.98 3.86 -1.94
C THR A 119 7.45 4.11 -0.53
N VAL A 120 8.35 4.37 0.43
CA VAL A 120 7.94 4.45 1.82
C VAL A 120 7.10 5.69 2.09
N ILE A 121 7.51 6.83 1.53
CA ILE A 121 6.77 8.07 1.81
C ILE A 121 5.43 8.07 1.09
N THR A 122 5.36 7.49 -0.11
CA THR A 122 4.11 7.38 -0.85
C THR A 122 3.21 6.27 -0.31
N THR A 123 3.73 5.41 0.57
CA THR A 123 3.05 4.24 1.11
C THR A 123 2.73 3.20 0.02
N ILE A 124 3.39 3.30 -1.13
CA ILE A 124 3.31 2.23 -2.13
C ILE A 124 3.93 0.96 -1.57
N GLY A 125 5.22 1.02 -1.25
CA GLY A 125 5.91 -0.08 -0.61
C GLY A 125 5.78 -1.40 -1.35
N PHE A 126 6.40 -1.51 -2.52
CA PHE A 126 6.28 -2.73 -3.32
C PHE A 126 6.72 -3.95 -2.53
N GLY A 127 7.75 -3.82 -1.69
CA GLY A 127 8.27 -4.94 -0.95
C GLY A 127 9.32 -5.75 -1.68
N ASN A 128 9.65 -5.38 -2.92
CA ASN A 128 10.73 -6.05 -3.65
C ASN A 128 12.03 -6.05 -2.85
N ILE A 129 12.31 -4.95 -2.15
CA ILE A 129 13.47 -4.85 -1.27
C ILE A 129 13.02 -4.20 0.02
N SER A 130 13.27 -4.88 1.13
CA SER A 130 12.92 -4.39 2.46
C SER A 130 14.14 -4.38 3.36
N PRO A 131 14.18 -3.51 4.38
CA PRO A 131 15.35 -3.46 5.25
C PRO A 131 15.46 -4.68 6.14
N ARG A 132 16.68 -5.20 6.26
CA ARG A 132 16.96 -6.36 7.09
C ARG A 132 17.72 -6.02 8.36
N THR A 133 18.26 -4.81 8.47
CA THR A 133 19.05 -4.40 9.62
C THR A 133 18.15 -3.83 10.71
N GLU A 134 18.51 -4.11 11.97
CA GLU A 134 17.72 -3.59 13.09
C GLU A 134 17.67 -2.06 13.06
N GLY A 135 18.78 -1.42 12.69
CA GLY A 135 18.79 0.03 12.59
C GLY A 135 17.98 0.54 11.41
N GLY A 136 18.08 -0.15 10.27
CA GLY A 136 17.30 0.25 9.10
C GLY A 136 15.81 0.16 9.34
N LYS A 137 15.37 -0.81 10.15
CA LYS A 137 13.95 -0.90 10.48
C LYS A 137 13.53 0.25 11.37
N ILE A 138 14.33 0.58 12.41
CA ILE A 138 14.00 1.69 13.29
C ILE A 138 14.09 3.01 12.55
N PHE A 139 15.01 3.13 11.59
CA PHE A 139 15.05 4.32 10.75
C PHE A 139 13.83 4.37 9.83
N CYS A 140 13.50 3.24 9.20
CA CYS A 140 12.34 3.21 8.30
C CYS A 140 11.05 3.57 9.03
N ILE A 141 10.90 3.09 10.26
CA ILE A 141 9.72 3.44 11.07
C ILE A 141 9.63 4.95 11.24
N ILE A 142 10.72 5.58 11.69
CA ILE A 142 10.72 7.02 11.87
C ILE A 142 10.67 7.73 10.52
N TYR A 143 11.42 7.23 9.53
CA TYR A 143 11.43 7.84 8.21
C TYR A 143 10.03 7.85 7.58
N ALA A 144 9.21 6.85 7.90
CA ALA A 144 7.84 6.82 7.40
C ALA A 144 6.91 7.73 8.20
N LEU A 145 6.99 7.65 9.54
CA LEU A 145 6.14 8.49 10.38
C LEU A 145 6.33 9.97 10.08
N LEU A 146 7.49 10.36 9.56
CA LEU A 146 7.75 11.74 9.18
C LEU A 146 7.61 11.97 7.68
N GLY A 147 7.97 10.97 6.86
CA GLY A 147 7.94 11.14 5.42
C GLY A 147 6.56 11.04 4.81
N ILE A 148 5.69 10.19 5.38
CA ILE A 148 4.33 10.08 4.86
C ILE A 148 3.57 11.41 4.98
N PRO A 149 3.54 12.07 6.14
CA PRO A 149 2.86 13.38 6.17
C PRO A 149 3.55 14.44 5.34
N LEU A 150 4.89 14.48 5.36
CA LEU A 150 5.64 15.41 4.52
C LEU A 150 5.26 15.27 3.05
N PHE A 151 5.30 14.05 2.54
CA PHE A 151 4.90 13.83 1.15
C PHE A 151 3.44 14.20 0.92
N GLY A 152 2.60 14.06 1.97
CA GLY A 152 1.20 14.44 1.83
C GLY A 152 1.02 15.91 1.49
N PHE A 153 1.85 16.78 2.07
CA PHE A 153 1.77 18.20 1.75
C PHE A 153 2.23 18.46 0.32
N LEU A 154 3.24 17.73 -0.14
CA LEU A 154 3.64 17.82 -1.54
C LEU A 154 2.51 17.41 -2.46
N LEU A 155 1.91 16.25 -2.19
CA LEU A 155 0.82 15.75 -3.03
C LEU A 155 -0.36 16.71 -3.04
N ALA A 156 -0.74 17.23 -1.86
CA ALA A 156 -1.86 18.16 -1.80
C ALA A 156 -1.60 19.41 -2.63
N GLY A 157 -0.36 19.90 -2.60
CA GLY A 157 -0.01 21.03 -3.45
C GLY A 157 -0.04 20.69 -4.92
N VAL A 158 0.51 19.53 -5.29
CA VAL A 158 0.48 19.10 -6.68
C VAL A 158 -0.96 18.80 -7.10
N GLY A 159 -1.77 18.26 -6.20
CA GLY A 159 -3.18 18.01 -6.52
C GLY A 159 -3.95 19.28 -6.80
N ASP A 160 -3.77 20.29 -5.94
CA ASP A 160 -4.40 21.58 -6.20
C ASP A 160 -3.74 22.28 -7.39
N GLN A 161 -2.43 22.12 -7.56
CA GLN A 161 -1.77 22.67 -8.74
C GLN A 161 -2.34 22.08 -10.01
N LEU A 162 -2.47 20.75 -10.04
CA LEU A 162 -3.02 20.08 -11.23
C LEU A 162 -4.52 20.29 -11.33
N GLY A 163 -5.21 20.37 -10.19
CA GLY A 163 -6.65 20.59 -10.18
C GLY A 163 -7.07 21.95 -10.72
N THR A 164 -6.14 22.89 -10.82
CA THR A 164 -6.42 24.18 -11.44
C THR A 164 -5.89 24.28 -12.86
N ILE A 165 -4.87 23.48 -13.20
CA ILE A 165 -4.48 23.34 -14.61
C ILE A 165 -5.63 22.74 -15.41
N PHE A 166 -6.23 21.67 -14.87
CA PHE A 166 -7.46 21.12 -15.44
C PHE A 166 -8.59 22.15 -15.43
N GLY A 167 -8.64 23.00 -14.40
CA GLY A 167 -9.72 23.96 -14.30
C GLY A 167 -9.71 25.00 -15.41
N LYS A 168 -8.53 25.32 -15.95
CA LYS A 168 -8.46 26.28 -17.05
C LYS A 168 -8.79 25.63 -18.39
N GLY A 169 -8.45 24.36 -18.57
CA GLY A 169 -8.80 23.68 -19.80
C GLY A 169 -10.29 23.49 -19.98
N ILE A 170 -11.03 23.33 -18.86
CA ILE A 170 -12.47 23.18 -18.95
C ILE A 170 -13.21 24.51 -19.02
N ALA A 171 -12.57 25.60 -18.58
CA ALA A 171 -13.18 26.92 -18.77
C ALA A 171 -13.29 27.25 -20.26
N LYS A 172 -12.30 26.83 -21.05
CA LYS A 172 -12.42 26.94 -22.50
C LYS A 172 -13.55 26.05 -23.03
N VAL A 173 -13.59 24.80 -22.57
CA VAL A 173 -14.51 23.83 -23.15
C VAL A 173 -15.94 24.05 -22.67
N GLU A 174 -16.12 24.52 -21.44
CA GLU A 174 -17.47 24.79 -20.93
C GLU A 174 -18.04 26.12 -21.41
N ASP A 175 -17.48 26.69 -22.47
CA ASP A 175 -18.09 27.78 -23.22
C ASP A 175 -18.45 27.38 -24.65
N THR A 176 -17.55 26.68 -25.35
CA THR A 176 -17.65 26.56 -26.80
C THR A 176 -18.85 25.75 -27.26
N PHE A 177 -19.34 24.81 -26.44
CA PHE A 177 -20.56 24.12 -26.82
C PHE A 177 -21.52 23.97 -25.64
N ILE A 178 -21.57 24.96 -24.75
CA ILE A 178 -22.46 24.91 -23.60
C ILE A 178 -23.56 25.96 -23.68
N LYS A 179 -23.25 27.17 -24.16
CA LYS A 179 -24.31 28.09 -24.57
C LYS A 179 -24.94 27.63 -25.88
N TRP A 180 -24.09 27.19 -26.83
CA TRP A 180 -24.56 26.48 -28.02
C TRP A 180 -25.31 25.24 -27.57
N ASN A 181 -26.58 25.14 -27.98
CA ASN A 181 -27.55 24.14 -27.51
C ASN A 181 -27.47 23.93 -26.01
N THR A 185 -27.19 20.84 -15.04
CA THR A 185 -27.13 19.60 -14.27
C THR A 185 -26.56 18.44 -15.09
N LYS A 186 -26.93 18.36 -16.37
CA LYS A 186 -26.39 17.35 -17.26
C LYS A 186 -25.11 17.78 -17.95
N ILE A 187 -24.88 19.09 -18.10
CA ILE A 187 -23.64 19.56 -18.69
C ILE A 187 -22.44 19.18 -17.82
N ARG A 188 -22.64 19.06 -16.50
CA ARG A 188 -21.59 18.53 -15.64
C ARG A 188 -21.08 17.19 -16.15
N ILE A 189 -21.99 16.33 -16.62
CA ILE A 189 -21.63 14.95 -16.92
C ILE A 189 -20.74 14.87 -18.15
N ILE A 190 -20.98 15.71 -19.16
CA ILE A 190 -20.11 15.73 -20.33
C ILE A 190 -18.70 16.16 -19.94
N SER A 191 -18.60 17.12 -19.03
CA SER A 191 -17.30 17.62 -18.59
C SER A 191 -16.57 16.57 -17.76
N THR A 192 -17.30 15.85 -16.89
CA THR A 192 -16.65 14.83 -16.07
C THR A 192 -16.14 13.66 -16.91
N ILE A 193 -16.80 13.36 -18.03
CA ILE A 193 -16.32 12.30 -18.91
C ILE A 193 -14.96 12.65 -19.49
N ILE A 194 -14.79 13.91 -19.91
CA ILE A 194 -13.56 14.30 -20.59
C ILE A 194 -12.37 14.27 -19.64
N PHE A 195 -12.60 14.44 -18.34
CA PHE A 195 -11.52 14.29 -17.37
C PHE A 195 -11.04 12.84 -17.32
N ILE A 196 -11.95 11.90 -17.03
CA ILE A 196 -11.59 10.49 -17.00
C ILE A 196 -11.10 10.04 -18.37
N LEU A 197 -11.74 10.52 -19.43
CA LEU A 197 -11.28 10.23 -20.79
C LEU A 197 -9.82 10.66 -20.97
N PHE A 198 -9.56 11.95 -20.82
CA PHE A 198 -8.23 12.49 -21.09
C PHE A 198 -7.26 12.18 -19.96
N GLY A 199 -7.75 11.82 -18.78
CA GLY A 199 -6.90 11.42 -17.67
C GLY A 199 -6.43 9.98 -17.79
N CYS A 200 -7.36 9.06 -18.08
CA CYS A 200 -6.97 7.68 -18.37
C CYS A 200 -6.14 7.59 -19.64
N VAL A 201 -6.12 8.63 -20.47
CA VAL A 201 -5.11 8.74 -21.51
C VAL A 201 -3.78 9.18 -20.91
N LEU A 202 -3.78 10.31 -20.21
CA LEU A 202 -2.53 10.87 -19.68
C LEU A 202 -1.96 10.02 -18.56
N PHE A 203 -2.79 9.47 -17.69
CA PHE A 203 -2.30 8.85 -16.48
C PHE A 203 -2.56 7.34 -16.41
N VAL A 204 -3.17 6.76 -17.44
CA VAL A 204 -3.28 5.31 -17.53
C VAL A 204 -2.72 4.86 -18.87
N ALA A 205 -3.32 5.33 -19.97
CA ALA A 205 -3.00 4.80 -21.29
C ALA A 205 -1.55 5.06 -21.69
N LEU A 206 -1.18 6.32 -21.84
CA LEU A 206 0.17 6.62 -22.33
C LEU A 206 1.26 6.18 -21.37
N PRO A 207 1.15 6.37 -20.03
CA PRO A 207 2.22 5.84 -19.17
C PRO A 207 2.33 4.32 -19.25
N ALA A 208 1.21 3.62 -19.38
CA ALA A 208 1.25 2.17 -19.53
C ALA A 208 1.98 1.75 -20.81
N VAL A 209 2.00 2.62 -21.82
CA VAL A 209 2.68 2.27 -23.07
C VAL A 209 4.12 2.78 -23.13
N ILE A 210 4.50 3.76 -22.30
CA ILE A 210 5.92 4.03 -22.19
C ILE A 210 6.61 2.88 -21.47
N PHE A 211 5.93 2.22 -20.54
CA PHE A 211 6.59 1.10 -19.89
C PHE A 211 6.57 -0.15 -20.76
N LYS A 212 5.78 -0.16 -21.83
CA LYS A 212 5.87 -1.25 -22.80
C LYS A 212 7.16 -1.17 -23.60
N HIS A 213 7.70 0.03 -23.81
CA HIS A 213 9.07 0.17 -24.29
C HIS A 213 10.02 -0.72 -23.51
N ILE A 214 9.95 -0.65 -22.18
CA ILE A 214 10.93 -1.35 -21.35
C ILE A 214 10.54 -2.82 -21.18
N GLU A 215 9.39 -3.11 -20.58
CA GLU A 215 8.85 -4.47 -20.54
C GLU A 215 7.32 -4.40 -20.71
N GLY A 216 6.88 -4.46 -21.95
CA GLY A 216 5.46 -4.56 -22.26
C GLY A 216 4.96 -5.96 -22.59
N TRP A 217 4.83 -6.88 -21.63
CA TRP A 217 4.40 -8.21 -22.04
C TRP A 217 2.96 -8.17 -22.58
N SER A 218 2.03 -7.67 -21.78
CA SER A 218 0.63 -7.64 -22.20
C SER A 218 0.07 -6.23 -22.06
N ALA A 219 -1.11 -6.03 -22.66
CA ALA A 219 -1.81 -4.78 -22.47
C ALA A 219 -2.50 -4.70 -21.11
N LEU A 220 -2.76 -5.85 -20.49
CA LEU A 220 -3.36 -5.86 -19.15
C LEU A 220 -2.34 -5.62 -18.06
N ASP A 221 -1.20 -6.33 -18.11
CA ASP A 221 -0.17 -6.17 -17.09
C ASP A 221 0.24 -4.72 -16.93
N ALA A 222 0.21 -3.95 -18.01
CA ALA A 222 0.50 -2.52 -17.92
C ALA A 222 -0.55 -1.79 -17.08
N ILE A 223 -1.82 -1.90 -17.47
CA ILE A 223 -2.87 -1.20 -16.76
C ILE A 223 -3.07 -1.77 -15.36
N TYR A 224 -2.91 -3.09 -15.22
CA TYR A 224 -2.87 -3.69 -13.89
C TYR A 224 -1.77 -3.06 -13.03
N PHE A 225 -0.55 -2.99 -13.58
CA PHE A 225 0.54 -2.30 -12.90
C PHE A 225 0.19 -0.85 -12.57
N VAL A 226 -0.37 -0.12 -13.54
CA VAL A 226 -0.66 1.30 -13.34
C VAL A 226 -1.65 1.49 -12.19
N VAL A 227 -2.72 0.70 -12.17
CA VAL A 227 -3.71 0.83 -11.12
C VAL A 227 -3.14 0.45 -9.77
N ILE A 228 -2.53 -0.74 -9.68
CA ILE A 228 -1.97 -1.21 -8.41
C ILE A 228 -0.95 -0.22 -7.86
N THR A 229 -0.17 0.41 -8.75
CA THR A 229 0.82 1.37 -8.30
C THR A 229 0.16 2.63 -7.77
N LEU A 230 -0.60 3.33 -8.61
CA LEU A 230 -1.08 4.66 -8.25
C LEU A 230 -2.22 4.61 -7.24
N THR A 231 -2.83 3.45 -7.00
CA THR A 231 -3.74 3.30 -5.87
C THR A 231 -3.00 3.09 -4.56
N THR A 232 -1.67 3.12 -4.58
CA THR A 232 -0.81 2.89 -3.41
C THR A 232 -1.00 1.50 -2.82
N ILE A 233 -1.53 0.56 -3.59
CA ILE A 233 -1.61 -0.83 -3.14
C ILE A 233 -0.25 -1.49 -3.20
N GLY A 234 0.36 -1.48 -4.39
CA GLY A 234 1.75 -1.86 -4.55
C GLY A 234 2.11 -3.26 -4.10
N PHE A 235 1.65 -4.28 -4.83
CA PHE A 235 2.01 -5.65 -4.46
C PHE A 235 3.50 -5.91 -4.67
N GLY A 236 4.06 -5.44 -5.79
CA GLY A 236 5.45 -5.68 -6.10
C GLY A 236 5.71 -6.82 -7.06
N ASP A 237 4.66 -7.52 -7.53
CA ASP A 237 4.86 -8.57 -8.51
C ASP A 237 5.31 -8.01 -9.86
N TYR A 238 4.90 -6.78 -10.17
CA TYR A 238 5.31 -6.10 -11.39
C TYR A 238 5.97 -4.78 -10.99
N VAL A 239 7.27 -4.66 -11.27
CA VAL A 239 8.04 -3.47 -10.92
C VAL A 239 9.23 -3.40 -11.86
N ALA A 240 9.78 -2.20 -12.03
CA ALA A 240 10.89 -1.99 -12.95
C ALA A 240 12.21 -2.55 -12.45
N GLY A 241 12.29 -2.97 -11.19
CA GLY A 241 13.53 -3.49 -10.64
C GLY A 241 13.99 -4.82 -11.21
N GLY A 242 13.13 -5.51 -11.96
CA GLY A 242 13.48 -6.81 -12.52
C GLY A 242 14.22 -6.67 -13.83
N SER A 243 15.30 -7.46 -13.96
CA SER A 243 16.13 -7.49 -15.18
C SER A 243 16.60 -6.09 -15.56
N ASP A 244 16.92 -5.29 -14.56
CA ASP A 244 17.36 -3.91 -14.79
C ASP A 244 18.87 -3.81 -14.92
N ASP A 249 18.35 5.52 -17.13
CA ASP A 249 18.50 6.65 -16.21
C ASP A 249 17.83 7.88 -16.81
N PHE A 250 17.43 7.77 -18.08
CA PHE A 250 16.40 8.63 -18.64
C PHE A 250 15.01 8.17 -18.21
N TYR A 251 14.92 6.96 -17.67
CA TYR A 251 13.67 6.28 -17.36
C TYR A 251 13.24 6.50 -15.91
N LYS A 252 14.07 6.10 -14.95
CA LYS A 252 13.67 6.10 -13.55
C LYS A 252 13.40 7.47 -12.93
N PRO A 253 14.02 8.59 -13.39
CA PRO A 253 13.63 9.90 -12.81
C PRO A 253 12.23 10.31 -13.19
N VAL A 254 11.88 10.18 -14.47
CA VAL A 254 10.57 10.62 -14.94
C VAL A 254 9.47 9.71 -14.41
N VAL A 255 9.78 8.44 -14.17
CA VAL A 255 8.78 7.52 -13.62
C VAL A 255 8.29 8.00 -12.26
N TRP A 256 9.23 8.30 -11.35
CA TRP A 256 8.81 8.76 -10.02
C TRP A 256 8.05 10.08 -10.12
N PHE A 257 8.38 10.91 -11.10
CA PHE A 257 7.60 12.12 -11.36
C PHE A 257 6.18 11.78 -11.79
N TRP A 258 6.04 10.93 -12.82
CA TRP A 258 4.73 10.43 -13.21
C TRP A 258 3.96 9.89 -12.01
N ILE A 259 4.64 9.15 -11.12
CA ILE A 259 3.98 8.62 -9.93
C ILE A 259 3.40 9.76 -9.11
N LEU A 260 4.20 10.80 -8.86
CA LEU A 260 3.72 11.94 -8.09
C LEU A 260 2.45 12.54 -8.70
N VAL A 261 2.41 12.68 -10.01
CA VAL A 261 1.24 13.28 -10.64
C VAL A 261 0.13 12.24 -10.80
N GLY A 262 0.51 10.98 -11.06
CA GLY A 262 -0.50 9.94 -11.17
C GLY A 262 -1.15 9.62 -9.84
N LEU A 263 -0.38 9.68 -8.75
CA LEU A 263 -0.98 9.55 -7.42
C LEU A 263 -2.00 10.64 -7.16
N ALA A 264 -1.70 11.86 -7.59
CA ALA A 264 -2.68 12.94 -7.50
C ALA A 264 -3.88 12.67 -8.40
N TYR A 265 -3.68 11.97 -9.51
CA TYR A 265 -4.79 11.70 -10.41
C TYR A 265 -5.77 10.70 -9.80
N PHE A 266 -5.29 9.54 -9.36
CA PHE A 266 -6.20 8.58 -8.73
C PHE A 266 -6.78 9.13 -7.43
N ALA A 267 -6.04 10.02 -6.75
CA ALA A 267 -6.58 10.64 -5.55
C ALA A 267 -7.89 11.35 -5.83
N ALA A 268 -7.97 12.06 -6.96
CA ALA A 268 -9.24 12.66 -7.36
C ALA A 268 -10.19 11.61 -7.90
N VAL A 269 -9.67 10.66 -8.69
CA VAL A 269 -10.52 9.60 -9.25
C VAL A 269 -11.17 8.81 -8.13
N LEU A 270 -10.37 8.32 -7.18
CA LEU A 270 -10.93 7.58 -6.05
C LEU A 270 -11.81 8.46 -5.17
N SER A 271 -11.60 9.77 -5.18
CA SER A 271 -12.49 10.65 -4.45
C SER A 271 -13.79 10.91 -5.20
N MET A 272 -13.75 10.96 -6.53
CA MET A 272 -14.98 11.09 -7.29
C MET A 272 -15.83 9.83 -7.17
N ILE A 273 -15.21 8.66 -7.27
CA ILE A 273 -15.94 7.41 -7.14
C ILE A 273 -16.64 7.33 -5.79
N GLY A 274 -16.00 7.84 -4.74
CA GLY A 274 -16.66 7.93 -3.45
C GLY A 274 -17.87 8.84 -3.48
N ASP A 275 -17.81 9.91 -4.28
CA ASP A 275 -18.95 10.81 -4.39
C ASP A 275 -20.12 10.15 -5.10
N TRP A 276 -19.84 9.37 -6.15
CA TRP A 276 -20.93 8.71 -6.86
C TRP A 276 -21.56 7.62 -6.00
N LEU A 277 -20.75 6.93 -5.20
CA LEU A 277 -21.29 5.96 -4.25
C LEU A 277 -22.14 6.63 -3.20
N ARG A 278 -21.80 7.87 -2.83
CA ARG A 278 -22.67 8.63 -1.94
C ARG A 278 -24.02 8.91 -2.58
N VAL A 279 -24.02 9.23 -3.89
CA VAL A 279 -25.27 9.42 -4.62
C VAL A 279 -26.05 8.11 -4.67
N ILE A 280 -25.38 7.02 -5.06
CA ILE A 280 -26.04 5.73 -5.20
C ILE A 280 -26.57 5.23 -3.86
N ALA A 281 -25.93 5.64 -2.75
CA ALA A 281 -26.44 5.28 -1.43
C ALA A 281 -27.73 6.04 -1.12
N LYS A 282 -27.80 7.31 -1.48
CA LYS A 282 -29.00 8.10 -1.25
C LYS A 282 -30.11 7.76 -2.24
N LYS A 283 -29.74 7.35 -3.46
CA LYS A 283 -30.73 6.81 -4.39
C LYS A 283 -31.38 5.55 -3.84
N THR A 284 -30.57 4.60 -3.37
CA THR A 284 -31.09 3.35 -2.87
C THR A 284 -31.67 3.44 -1.46
N LYS A 285 -31.47 4.56 -0.76
CA LYS A 285 -32.15 4.75 0.51
C LYS A 285 -33.62 5.10 0.30
N GLU A 286 -33.89 6.08 -0.57
CA GLU A 286 -35.26 6.47 -0.85
C GLU A 286 -36.01 5.39 -1.62
N ALA A 287 -35.28 4.57 -2.39
CA ALA A 287 -35.93 3.51 -3.16
C ALA A 287 -36.58 2.49 -2.24
N VAL A 288 -35.81 1.93 -1.31
CA VAL A 288 -36.38 1.07 -0.29
C VAL A 288 -37.37 1.84 0.58
N GLY A 289 -37.18 3.16 0.68
CA GLY A 289 -38.14 3.98 1.41
C GLY A 289 -39.53 3.91 0.82
N GLU A 290 -39.63 3.96 -0.51
CA GLU A 290 -40.93 3.89 -1.17
C GLU A 290 -41.51 2.48 -1.13
N PHE A 291 -40.71 1.50 -1.53
CA PHE A 291 -41.19 0.13 -1.66
C PHE A 291 -41.61 -0.47 -0.32
N ARG A 292 -40.92 -0.09 0.75
CA ARG A 292 -41.38 -0.47 2.09
C ARG A 292 -42.58 0.37 2.53
N ALA A 293 -42.80 1.53 1.92
CA ALA A 293 -43.96 2.36 2.22
C ALA A 293 -45.19 1.97 1.41
N HIS A 294 -45.01 1.66 0.12
CA HIS A 294 -46.16 1.19 -0.66
C HIS A 294 -46.60 -0.19 -0.22
N ALA A 295 -45.66 -1.07 0.14
CA ALA A 295 -46.04 -2.37 0.69
C ALA A 295 -46.62 -2.23 2.10
N ALA A 296 -46.44 -1.08 2.75
CA ALA A 296 -46.98 -0.89 4.10
C ALA A 296 -48.49 -0.75 4.07
N GLU A 297 -49.00 0.28 3.40
CA GLU A 297 -50.45 0.40 3.30
C GLU A 297 -51.02 -0.49 2.20
N TRP A 298 -50.19 -1.29 1.52
CA TRP A 298 -50.74 -2.39 0.74
C TRP A 298 -51.31 -3.46 1.67
N THR A 299 -50.51 -3.90 2.63
CA THR A 299 -50.93 -4.89 3.62
C THR A 299 -52.07 -4.36 4.48
N ALA A 300 -52.20 -3.05 4.62
CA ALA A 300 -53.37 -2.50 5.30
C ALA A 300 -54.58 -2.47 4.39
N ASN A 301 -54.40 -2.18 3.09
CA ASN A 301 -55.56 -2.20 2.20
C ASN A 301 -56.14 -3.60 2.05
N VAL A 302 -55.30 -4.63 2.03
CA VAL A 302 -55.82 -5.99 1.91
C VAL A 302 -56.61 -6.39 3.15
N THR A 303 -56.48 -5.61 4.22
CA THR A 303 -57.21 -5.75 5.50
C THR A 303 -57.49 -7.19 5.92
N SER B 16 -5.20 38.99 -8.33
CA SER B 16 -5.52 38.35 -7.06
C SER B 16 -6.14 36.99 -7.29
N ASP B 17 -6.58 36.75 -8.53
CA ASP B 17 -7.03 35.41 -8.92
C ASP B 17 -5.84 34.52 -9.22
N SER B 18 -5.03 34.90 -10.20
CA SER B 18 -3.81 34.18 -10.54
C SER B 18 -2.59 34.74 -9.81
N ALA B 19 -2.78 35.71 -8.92
CA ALA B 19 -1.69 36.12 -8.05
C ALA B 19 -1.40 35.02 -7.03
N ILE B 20 -2.40 34.64 -6.24
CA ILE B 20 -2.22 33.57 -5.26
C ILE B 20 -1.74 32.29 -5.92
N ASN B 21 -2.03 32.10 -7.20
CA ASN B 21 -1.46 30.95 -7.90
C ASN B 21 0.06 31.05 -7.99
N VAL B 22 0.57 32.27 -8.24
CA VAL B 22 2.01 32.47 -8.18
C VAL B 22 2.52 32.29 -6.77
N MET B 23 1.71 32.69 -5.78
CA MET B 23 2.07 32.45 -4.38
C MET B 23 1.94 30.99 -3.99
N LYS B 24 1.13 30.21 -4.72
CA LYS B 24 1.01 28.78 -4.46
C LYS B 24 2.09 27.96 -5.15
N TRP B 25 2.43 28.30 -6.40
CA TRP B 25 3.45 27.54 -7.11
C TRP B 25 4.79 27.64 -6.40
N LYS B 26 5.09 28.81 -5.81
CA LYS B 26 6.30 28.96 -5.01
C LYS B 26 6.27 28.03 -3.81
N THR B 27 5.09 27.84 -3.21
CA THR B 27 4.99 26.98 -2.03
C THR B 27 5.21 25.51 -2.40
N VAL B 28 4.60 25.05 -3.50
CA VAL B 28 4.73 23.66 -3.90
C VAL B 28 6.16 23.34 -4.30
N SER B 29 6.78 24.23 -5.09
CA SER B 29 8.13 23.99 -5.57
C SER B 29 9.12 23.84 -4.42
N THR B 30 8.97 24.65 -3.38
CA THR B 30 9.83 24.52 -2.21
C THR B 30 9.60 23.18 -1.50
N ILE B 31 8.35 22.73 -1.42
CA ILE B 31 8.07 21.45 -0.78
C ILE B 31 8.65 20.31 -1.60
N PHE B 32 8.65 20.45 -2.94
CA PHE B 32 9.23 19.43 -3.81
C PHE B 32 10.70 19.20 -3.47
N LEU B 33 11.46 20.28 -3.30
CA LEU B 33 12.88 20.14 -2.97
C LEU B 33 13.09 19.61 -1.56
N VAL B 34 12.18 19.93 -0.64
CA VAL B 34 12.25 19.35 0.70
C VAL B 34 12.13 17.84 0.63
N VAL B 35 11.21 17.34 -0.21
CA VAL B 35 11.01 15.90 -0.34
C VAL B 35 12.21 15.26 -1.04
N VAL B 36 12.72 15.90 -2.10
CA VAL B 36 13.86 15.35 -2.83
C VAL B 36 15.06 15.20 -1.89
N LEU B 37 15.39 16.26 -1.16
CA LEU B 37 16.48 16.18 -0.18
C LEU B 37 16.17 15.11 0.86
N TYR B 38 14.94 15.09 1.37
CA TYR B 38 14.54 14.09 2.36
C TYR B 38 14.72 12.67 1.82
N LEU B 39 14.44 12.49 0.53
CA LEU B 39 14.68 11.17 -0.09
C LEU B 39 16.17 10.90 -0.21
N ILE B 40 16.96 11.92 -0.56
CA ILE B 40 18.41 11.75 -0.63
C ILE B 40 18.99 11.47 0.75
N ILE B 41 18.46 12.16 1.77
CA ILE B 41 18.90 11.90 3.14
C ILE B 41 18.62 10.45 3.51
N GLY B 42 17.38 9.99 3.30
CA GLY B 42 17.04 8.61 3.65
C GLY B 42 17.82 7.60 2.84
N ALA B 43 17.99 7.85 1.54
CA ALA B 43 18.68 6.91 0.67
C ALA B 43 20.08 6.61 1.17
N THR B 44 20.86 7.65 1.46
CA THR B 44 22.21 7.45 1.97
C THR B 44 22.22 6.69 3.29
N VAL B 45 21.19 6.89 4.11
CA VAL B 45 21.12 6.18 5.38
C VAL B 45 20.86 4.69 5.17
N PHE B 46 19.96 4.36 4.23
CA PHE B 46 19.66 2.94 3.99
C PHE B 46 20.85 2.22 3.37
N LYS B 47 21.46 2.80 2.34
CA LYS B 47 22.61 2.14 1.72
C LYS B 47 23.83 2.12 2.65
N ALA B 48 23.87 2.97 3.66
CA ALA B 48 24.88 2.84 4.70
C ALA B 48 24.53 1.70 5.66
N LEU B 49 23.24 1.42 5.83
CA LEU B 49 22.78 0.37 6.74
C LEU B 49 22.59 -0.98 6.07
N GLU B 50 22.32 -1.00 4.76
CA GLU B 50 21.92 -2.23 4.08
C GLU B 50 22.95 -2.75 3.08
N GLN B 51 23.59 -1.88 2.31
CA GLN B 51 24.53 -2.35 1.29
C GLN B 51 25.69 -3.19 1.85
N PRO B 52 26.26 -2.89 3.02
CA PRO B 52 27.29 -3.80 3.58
C PRO B 52 26.78 -5.20 3.83
N GLN B 53 25.69 -5.34 4.59
CA GLN B 53 25.20 -6.67 4.93
C GLN B 53 24.69 -7.41 3.69
N GLU B 54 24.39 -6.69 2.61
CA GLU B 54 24.10 -7.33 1.34
C GLU B 54 25.30 -8.09 0.81
N ILE B 55 26.44 -7.40 0.70
CA ILE B 55 27.63 -7.99 0.12
C ILE B 55 28.14 -9.15 0.96
N SER B 56 27.85 -9.12 2.27
CA SER B 56 28.16 -10.27 3.12
C SER B 56 27.44 -11.51 2.63
N GLN B 57 26.13 -11.40 2.39
CA GLN B 57 25.38 -12.53 1.86
C GLN B 57 25.69 -12.75 0.38
N ARG B 58 25.88 -11.66 -0.38
CA ARG B 58 26.20 -11.79 -1.80
C ARG B 58 27.48 -12.60 -2.02
N THR B 59 28.48 -12.41 -1.16
CA THR B 59 29.73 -13.16 -1.32
C THR B 59 29.66 -14.55 -0.70
N THR B 60 28.85 -14.73 0.35
CA THR B 60 28.72 -16.04 0.98
C THR B 60 27.69 -16.93 0.30
N ILE B 61 26.91 -16.41 -0.65
CA ILE B 61 26.10 -17.28 -1.49
C ILE B 61 26.91 -17.76 -2.70
N VAL B 62 27.90 -16.98 -3.13
CA VAL B 62 28.84 -17.46 -4.14
C VAL B 62 29.69 -18.59 -3.57
N ILE B 63 29.91 -18.59 -2.25
CA ILE B 63 30.58 -19.71 -1.61
C ILE B 63 29.78 -21.00 -1.81
N GLN B 64 28.50 -20.97 -1.44
CA GLN B 64 27.68 -22.17 -1.47
C GLN B 64 27.38 -22.65 -2.88
N ARG B 65 27.43 -21.76 -3.88
CA ARG B 65 27.34 -22.21 -5.27
C ARG B 65 28.56 -23.04 -5.65
N GLU B 66 29.75 -22.49 -5.43
CA GLU B 66 30.97 -23.22 -5.78
C GLU B 66 31.21 -24.38 -4.82
N LYS B 67 30.55 -24.38 -3.65
CA LYS B 67 30.45 -25.58 -2.85
C LYS B 67 29.67 -26.67 -3.60
N PHE B 68 28.49 -26.31 -4.09
CA PHE B 68 27.58 -27.29 -4.68
C PHE B 68 28.00 -27.71 -6.08
N LEU B 69 28.70 -26.84 -6.81
CA LEU B 69 29.13 -27.19 -8.17
C LEU B 69 30.32 -28.13 -8.16
N ARG B 70 31.29 -27.90 -7.28
CA ARG B 70 32.45 -28.78 -7.21
C ARG B 70 32.12 -30.10 -6.53
N ALA B 71 31.21 -30.08 -5.55
CA ALA B 71 30.79 -31.30 -4.87
C ALA B 71 29.92 -32.19 -5.77
N HIS B 72 29.38 -31.63 -6.85
CA HIS B 72 28.57 -32.39 -7.81
C HIS B 72 28.86 -31.86 -9.20
N PRO B 73 30.03 -32.18 -9.76
CA PRO B 73 30.37 -31.68 -11.10
C PRO B 73 29.40 -32.13 -12.18
N CYS B 74 28.85 -33.34 -12.05
CA CYS B 74 27.86 -33.88 -12.97
C CYS B 74 26.49 -33.18 -12.88
N VAL B 75 26.31 -32.14 -12.07
CA VAL B 75 25.14 -31.29 -12.23
C VAL B 75 25.34 -30.43 -13.47
N SER B 76 24.23 -30.05 -14.10
CA SER B 76 24.31 -29.19 -15.28
C SER B 76 24.72 -27.80 -14.83
N ASP B 77 26.02 -27.50 -14.95
CA ASP B 77 26.58 -26.25 -14.46
C ASP B 77 25.86 -25.04 -15.05
N GLN B 78 25.93 -24.89 -16.37
CA GLN B 78 25.28 -23.76 -17.02
C GLN B 78 23.77 -23.86 -16.99
N GLU B 79 23.21 -25.01 -16.62
CA GLU B 79 21.77 -25.19 -16.51
C GLU B 79 21.33 -25.43 -15.07
N LEU B 80 22.18 -25.08 -14.10
CA LEU B 80 21.77 -25.09 -12.70
C LEU B 80 21.11 -23.78 -12.30
N ASP B 81 21.61 -22.65 -12.81
CA ASP B 81 20.92 -21.39 -12.59
C ASP B 81 19.53 -21.42 -13.22
N GLU B 82 19.39 -22.11 -14.35
CA GLU B 82 18.07 -22.29 -14.95
C GLU B 82 17.14 -23.04 -14.02
N LEU B 83 17.67 -23.97 -13.22
CA LEU B 83 16.87 -24.58 -12.16
C LEU B 83 16.56 -23.58 -11.07
N ILE B 84 17.57 -22.83 -10.61
CA ILE B 84 17.38 -21.89 -9.53
C ILE B 84 16.41 -20.78 -9.94
N GLN B 85 16.54 -20.29 -11.18
CA GLN B 85 15.70 -19.17 -11.61
C GLN B 85 14.27 -19.61 -11.85
N GLN B 86 14.04 -20.87 -12.24
CA GLN B 86 12.67 -21.38 -12.32
C GLN B 86 12.11 -21.65 -10.94
N ILE B 87 12.96 -21.79 -9.93
CA ILE B 87 12.50 -21.78 -8.54
C ILE B 87 12.23 -20.34 -8.09
N VAL B 88 13.04 -19.39 -8.57
CA VAL B 88 12.78 -17.98 -8.27
C VAL B 88 11.57 -17.47 -9.04
N ALA B 89 11.37 -17.94 -10.26
CA ALA B 89 10.10 -17.70 -10.93
C ALA B 89 8.95 -18.34 -10.16
N ALA B 90 9.21 -19.48 -9.53
CA ALA B 90 8.22 -20.10 -8.66
C ALA B 90 8.13 -19.45 -7.29
N ILE B 91 9.09 -18.59 -6.92
CA ILE B 91 8.93 -17.79 -5.72
C ILE B 91 7.71 -16.88 -5.86
N ASN B 92 7.38 -16.48 -7.09
CA ASN B 92 6.20 -15.67 -7.34
C ASN B 92 4.91 -16.42 -7.05
N ALA B 93 4.97 -17.73 -6.82
CA ALA B 93 3.88 -18.51 -6.27
C ALA B 93 4.26 -19.00 -4.88
N GLY B 94 3.25 -19.28 -4.07
CA GLY B 94 3.50 -19.71 -2.70
C GLY B 94 4.02 -21.14 -2.61
N ILE B 95 5.16 -21.39 -3.23
CA ILE B 95 5.65 -22.76 -3.39
C ILE B 95 6.26 -23.27 -2.10
N ILE B 96 6.05 -24.55 -1.83
CA ILE B 96 6.87 -25.31 -0.89
C ILE B 96 7.19 -26.62 -1.61
N PRO B 97 7.92 -26.57 -2.75
CA PRO B 97 8.12 -27.79 -3.55
C PRO B 97 9.22 -28.68 -3.01
N LEU B 98 8.86 -29.79 -2.37
CA LEU B 98 9.84 -30.65 -1.72
C LEU B 98 9.41 -32.11 -1.86
N GLY B 99 10.32 -33.01 -1.49
CA GLY B 99 10.04 -34.44 -1.50
C GLY B 99 9.34 -34.87 -0.22
N ALA B 100 9.72 -34.25 0.89
CA ALA B 100 8.95 -34.32 2.13
C ALA B 100 7.96 -33.18 2.11
N SER B 101 6.67 -33.52 2.17
CA SER B 101 5.56 -32.59 1.89
C SER B 101 5.54 -32.21 0.41
N SER B 102 5.54 -33.23 -0.46
CA SER B 102 5.14 -33.01 -1.84
C SER B 102 3.67 -32.65 -1.92
N ASN B 103 2.87 -33.14 -0.97
CA ASN B 103 1.50 -32.69 -0.80
C ASN B 103 1.47 -31.34 -0.09
N GLN B 104 0.56 -30.46 -0.51
CA GLN B 104 0.65 -29.05 -0.19
C GLN B 104 -0.76 -28.52 0.07
N VAL B 105 -0.88 -27.21 0.28
CA VAL B 105 -2.15 -26.58 0.64
C VAL B 105 -2.30 -25.28 -0.16
N SER B 106 -3.54 -24.93 -0.46
CA SER B 106 -3.83 -23.72 -1.22
C SER B 106 -3.47 -22.46 -0.45
N HIS B 107 -2.89 -21.49 -1.15
CA HIS B 107 -2.76 -20.13 -0.65
C HIS B 107 -3.90 -19.23 -1.07
N TRP B 108 -4.80 -19.70 -1.93
CA TRP B 108 -6.04 -19.02 -2.28
C TRP B 108 -7.26 -19.68 -1.66
N ASP B 109 -7.13 -20.23 -0.46
CA ASP B 109 -8.19 -21.05 0.10
C ASP B 109 -9.35 -20.17 0.55
N LEU B 110 -10.30 -20.79 1.27
CA LEU B 110 -11.53 -20.10 1.66
C LEU B 110 -11.24 -18.83 2.46
N GLY B 111 -10.22 -18.85 3.30
CA GLY B 111 -9.93 -17.73 4.18
C GLY B 111 -8.88 -16.77 3.66
N SER B 112 -7.90 -17.29 2.90
CA SER B 112 -6.79 -16.46 2.45
C SER B 112 -7.23 -15.45 1.41
N SER B 113 -8.18 -15.84 0.55
CA SER B 113 -8.69 -14.90 -0.45
C SER B 113 -9.50 -13.78 0.19
N PHE B 114 -10.09 -14.05 1.36
CA PHE B 114 -10.73 -12.99 2.13
C PHE B 114 -9.70 -11.96 2.60
N PHE B 115 -8.56 -12.45 3.11
CA PHE B 115 -7.50 -11.57 3.56
C PHE B 115 -6.88 -10.80 2.39
N PHE B 116 -6.77 -11.44 1.22
CA PHE B 116 -6.27 -10.75 0.04
C PHE B 116 -7.12 -9.54 -0.29
N ALA B 117 -8.44 -9.70 -0.32
CA ALA B 117 -9.34 -8.58 -0.54
C ALA B 117 -9.20 -7.53 0.56
N GLY B 118 -8.91 -7.97 1.79
CA GLY B 118 -8.68 -7.04 2.87
C GLY B 118 -7.47 -6.15 2.64
N THR B 119 -6.44 -6.68 1.98
CA THR B 119 -5.28 -5.87 1.65
C THR B 119 -5.59 -4.87 0.54
N VAL B 120 -6.40 -5.29 -0.44
CA VAL B 120 -6.61 -4.48 -1.62
C VAL B 120 -7.44 -3.24 -1.30
N ILE B 121 -8.51 -3.40 -0.52
CA ILE B 121 -9.37 -2.25 -0.24
C ILE B 121 -8.70 -1.28 0.73
N THR B 122 -7.87 -1.79 1.65
CA THR B 122 -7.11 -0.92 2.53
C THR B 122 -5.89 -0.32 1.84
N THR B 123 -5.55 -0.79 0.64
CA THR B 123 -4.35 -0.43 -0.10
C THR B 123 -3.07 -0.85 0.61
N ILE B 124 -3.16 -1.75 1.58
CA ILE B 124 -1.96 -2.33 2.17
C ILE B 124 -1.21 -3.14 1.12
N GLY B 125 -1.87 -4.15 0.56
CA GLY B 125 -1.33 -4.94 -0.53
C GLY B 125 0.05 -5.50 -0.26
N PHE B 126 0.15 -6.45 0.68
CA PHE B 126 1.45 -7.00 1.05
C PHE B 126 2.20 -7.55 -0.16
N GLY B 127 1.49 -8.16 -1.10
CA GLY B 127 2.12 -8.76 -2.25
C GLY B 127 2.62 -10.17 -2.03
N ASN B 128 2.43 -10.73 -0.84
CA ASN B 128 2.77 -12.13 -0.59
C ASN B 128 2.08 -13.05 -1.60
N ILE B 129 0.83 -12.76 -1.95
CA ILE B 129 0.10 -13.50 -2.97
C ILE B 129 -0.60 -12.50 -3.88
N SER B 130 -0.33 -12.58 -5.18
CA SER B 130 -0.94 -11.71 -6.17
C SER B 130 -1.66 -12.52 -7.22
N PRO B 131 -2.67 -11.96 -7.89
CA PRO B 131 -3.41 -12.74 -8.88
C PRO B 131 -2.58 -13.00 -10.13
N ARG B 132 -2.64 -14.25 -10.60
CA ARG B 132 -1.94 -14.67 -11.80
C ARG B 132 -2.86 -14.88 -12.99
N THR B 133 -4.17 -14.92 -12.77
CA THR B 133 -5.14 -15.09 -13.85
C THR B 133 -5.54 -13.73 -14.39
N GLU B 134 -5.62 -13.62 -15.72
CA GLU B 134 -6.04 -12.36 -16.32
C GLU B 134 -7.45 -11.98 -15.87
N GLY B 135 -8.28 -12.95 -15.51
CA GLY B 135 -9.58 -12.63 -14.96
C GLY B 135 -9.49 -12.04 -13.57
N GLY B 136 -8.65 -12.63 -12.72
CA GLY B 136 -8.44 -12.10 -11.39
C GLY B 136 -7.80 -10.72 -11.40
N LYS B 137 -6.95 -10.46 -12.38
CA LYS B 137 -6.32 -9.13 -12.50
C LYS B 137 -7.37 -8.07 -12.83
N ILE B 138 -8.23 -8.36 -13.81
CA ILE B 138 -9.25 -7.39 -14.21
C ILE B 138 -10.30 -7.22 -13.13
N PHE B 139 -10.60 -8.29 -12.39
CA PHE B 139 -11.48 -8.16 -11.24
C PHE B 139 -10.83 -7.33 -10.14
N CYS B 140 -9.56 -7.62 -9.84
CA CYS B 140 -8.86 -6.87 -8.79
C CYS B 140 -8.81 -5.39 -9.11
N ILE B 141 -8.60 -5.04 -10.38
CA ILE B 141 -8.59 -3.63 -10.78
C ILE B 141 -9.92 -2.97 -10.45
N ILE B 142 -11.02 -3.59 -10.86
CA ILE B 142 -12.34 -3.02 -10.58
C ILE B 142 -12.68 -3.15 -9.11
N TYR B 143 -12.33 -4.29 -8.50
CA TYR B 143 -12.58 -4.48 -7.07
C TYR B 143 -11.90 -3.42 -6.23
N ALA B 144 -10.71 -2.97 -6.66
CA ALA B 144 -9.99 -1.91 -5.95
C ALA B 144 -10.62 -0.55 -6.21
N LEU B 145 -10.77 -0.19 -7.50
CA LEU B 145 -11.33 1.10 -7.86
C LEU B 145 -12.69 1.35 -7.23
N LEU B 146 -13.41 0.29 -6.84
CA LEU B 146 -14.66 0.44 -6.13
C LEU B 146 -14.53 0.14 -4.64
N GLY B 147 -13.63 -0.77 -4.26
CA GLY B 147 -13.50 -1.14 -2.86
C GLY B 147 -12.70 -0.16 -2.03
N ILE B 148 -11.70 0.49 -2.63
CA ILE B 148 -10.94 1.51 -1.90
C ILE B 148 -11.84 2.64 -1.43
N PRO B 149 -12.67 3.27 -2.27
CA PRO B 149 -13.57 4.29 -1.73
C PRO B 149 -14.59 3.75 -0.76
N LEU B 150 -15.15 2.56 -1.03
CA LEU B 150 -16.07 1.92 -0.10
C LEU B 150 -15.46 1.78 1.29
N PHE B 151 -14.26 1.20 1.36
CA PHE B 151 -13.59 1.05 2.64
C PHE B 151 -13.28 2.40 3.27
N GLY B 152 -13.04 3.43 2.44
CA GLY B 152 -12.74 4.75 2.97
C GLY B 152 -13.87 5.31 3.82
N PHE B 153 -15.11 5.10 3.40
CA PHE B 153 -16.25 5.58 4.18
C PHE B 153 -16.43 4.76 5.45
N LEU B 154 -16.11 3.47 5.43
CA LEU B 154 -16.06 2.70 6.66
C LEU B 154 -15.04 3.26 7.63
N LEU B 155 -13.81 3.49 7.13
CA LEU B 155 -12.73 3.99 7.99
C LEU B 155 -13.08 5.34 8.60
N ALA B 156 -13.60 6.27 7.78
CA ALA B 156 -13.98 7.58 8.28
C ALA B 156 -15.05 7.47 9.35
N GLY B 157 -16.02 6.57 9.18
CA GLY B 157 -17.00 6.35 10.22
C GLY B 157 -16.39 5.76 11.47
N VAL B 158 -15.48 4.78 11.31
CA VAL B 158 -14.78 4.22 12.45
C VAL B 158 -13.89 5.27 13.11
N GLY B 159 -13.26 6.12 12.29
CA GLY B 159 -12.45 7.19 12.84
C GLY B 159 -13.24 8.17 13.67
N ASP B 160 -14.41 8.59 13.16
CA ASP B 160 -15.27 9.48 13.93
C ASP B 160 -15.90 8.75 15.11
N GLN B 161 -16.26 7.48 14.92
CA GLN B 161 -16.76 6.68 16.04
C GLN B 161 -15.72 6.59 17.14
N LEU B 162 -14.48 6.27 16.78
CA LEU B 162 -13.40 6.19 17.77
C LEU B 162 -12.99 7.57 18.26
N GLY B 163 -13.04 8.58 17.40
CA GLY B 163 -12.68 9.93 17.79
C GLY B 163 -13.63 10.56 18.79
N THR B 164 -14.84 10.01 18.93
CA THR B 164 -15.77 10.46 19.96
C THR B 164 -15.76 9.56 21.19
N ILE B 165 -15.36 8.30 21.05
CA ILE B 165 -15.05 7.49 22.23
C ILE B 165 -13.90 8.12 22.99
N PHE B 166 -12.89 8.61 22.27
CA PHE B 166 -11.80 9.36 22.90
C PHE B 166 -12.31 10.64 23.54
N GLY B 167 -13.28 11.30 22.91
CA GLY B 167 -13.79 12.55 23.45
C GLY B 167 -14.50 12.38 24.79
N LYS B 168 -15.05 11.19 25.04
CA LYS B 168 -15.73 10.95 26.30
C LYS B 168 -14.74 10.65 27.42
N GLY B 169 -13.69 9.87 27.13
CA GLY B 169 -12.71 9.55 28.14
C GLY B 169 -11.86 10.74 28.57
N ILE B 170 -11.72 11.73 27.69
CA ILE B 170 -10.96 12.93 28.03
C ILE B 170 -11.81 13.97 28.76
N ALA B 171 -13.14 13.87 28.66
CA ALA B 171 -13.99 14.76 29.44
C ALA B 171 -13.88 14.46 30.93
N LYS B 172 -13.65 13.20 31.30
CA LYS B 172 -13.42 12.86 32.69
C LYS B 172 -12.05 13.33 33.16
N VAL B 173 -11.02 13.07 32.35
CA VAL B 173 -9.66 13.34 32.77
C VAL B 173 -9.39 14.85 32.82
N GLU B 174 -9.98 15.62 31.92
CA GLU B 174 -9.83 17.08 31.95
C GLU B 174 -10.73 17.75 32.99
N ASP B 175 -11.34 16.98 33.89
CA ASP B 175 -11.89 17.48 35.14
C ASP B 175 -11.04 17.11 36.35
N THR B 176 -10.46 15.90 36.34
CA THR B 176 -9.66 15.43 37.47
C THR B 176 -8.38 16.24 37.64
N PHE B 177 -7.95 16.97 36.61
CA PHE B 177 -6.79 17.85 36.69
C PHE B 177 -7.19 19.32 36.61
N ILE B 178 -8.32 19.68 37.23
CA ILE B 178 -8.71 21.08 37.29
C ILE B 178 -8.46 21.63 38.69
N LYS B 179 -7.26 22.17 38.90
CA LYS B 179 -6.92 22.85 40.14
C LYS B 179 -7.24 24.34 39.98
N TRP B 180 -6.76 25.16 40.92
CA TRP B 180 -6.94 26.60 40.80
C TRP B 180 -6.23 27.12 39.56
N SER B 183 -4.76 26.70 32.19
CA SER B 183 -5.43 27.40 31.11
C SER B 183 -5.80 26.42 29.99
N GLN B 184 -6.75 26.84 29.15
CA GLN B 184 -7.24 25.98 28.08
C GLN B 184 -6.12 25.62 27.11
N THR B 185 -5.35 26.62 26.67
CA THR B 185 -4.33 26.40 25.66
C THR B 185 -3.31 25.33 26.06
N LYS B 186 -3.08 25.15 27.36
CA LYS B 186 -2.07 24.20 27.83
C LYS B 186 -2.67 22.88 28.29
N ILE B 187 -3.93 22.87 28.74
CA ILE B 187 -4.59 21.61 29.06
C ILE B 187 -4.76 20.77 27.80
N ARG B 188 -4.82 21.41 26.62
CA ARG B 188 -4.95 20.65 25.38
C ARG B 188 -3.76 19.72 25.16
N ILE B 189 -2.60 20.07 25.71
CA ILE B 189 -1.40 19.26 25.50
C ILE B 189 -1.43 18.00 26.35
N ILE B 190 -1.94 18.09 27.58
CA ILE B 190 -2.09 16.90 28.41
C ILE B 190 -3.04 15.92 27.74
N SER B 191 -4.08 16.43 27.07
CA SER B 191 -5.04 15.55 26.41
C SER B 191 -4.42 14.84 25.22
N THR B 192 -3.56 15.53 24.47
CA THR B 192 -2.93 14.89 23.31
C THR B 192 -1.93 13.83 23.72
N ILE B 193 -1.36 13.93 24.92
CA ILE B 193 -0.41 12.93 25.38
C ILE B 193 -1.11 11.61 25.69
N ILE B 194 -2.25 11.67 26.39
CA ILE B 194 -2.93 10.44 26.78
C ILE B 194 -3.49 9.71 25.57
N PHE B 195 -3.76 10.40 24.47
CA PHE B 195 -4.15 9.71 23.24
C PHE B 195 -3.01 8.86 22.71
N ILE B 196 -1.85 9.48 22.46
CA ILE B 196 -0.68 8.74 22.00
C ILE B 196 -0.27 7.70 23.05
N LEU B 197 -0.46 8.02 24.33
CA LEU B 197 -0.10 7.09 25.39
C LEU B 197 -0.93 5.81 25.31
N PHE B 198 -2.26 5.92 25.48
CA PHE B 198 -3.12 4.76 25.29
C PHE B 198 -3.05 4.23 23.86
N GLY B 199 -2.93 5.13 22.88
CA GLY B 199 -2.94 4.69 21.49
C GLY B 199 -1.80 3.75 21.18
N CYS B 200 -0.57 4.15 21.49
CA CYS B 200 0.57 3.26 21.32
C CYS B 200 0.54 2.08 22.27
N VAL B 201 -0.34 2.08 23.27
CA VAL B 201 -0.60 0.89 24.05
C VAL B 201 -1.63 0.00 23.36
N LEU B 202 -2.79 0.57 23.03
CA LEU B 202 -3.85 -0.24 22.43
C LEU B 202 -3.50 -0.68 21.01
N PHE B 203 -2.89 0.20 20.23
CA PHE B 203 -2.74 -0.04 18.80
C PHE B 203 -1.29 -0.27 18.37
N VAL B 204 -0.34 -0.20 19.29
CA VAL B 204 1.04 -0.55 18.97
C VAL B 204 1.53 -1.61 19.93
N ALA B 205 1.49 -1.32 21.23
CA ALA B 205 2.07 -2.22 22.23
C ALA B 205 1.31 -3.55 22.27
N LEU B 206 0.03 -3.50 22.66
CA LEU B 206 -0.74 -4.74 22.82
C LEU B 206 -0.77 -5.61 21.58
N PRO B 207 -0.99 -5.10 20.37
CA PRO B 207 -0.91 -5.99 19.19
C PRO B 207 0.49 -6.56 19.00
N ALA B 208 1.52 -5.71 19.00
CA ALA B 208 2.88 -6.18 18.72
C ALA B 208 3.32 -7.27 19.68
N VAL B 209 2.87 -7.23 20.93
CA VAL B 209 3.25 -8.25 21.89
C VAL B 209 2.59 -9.58 21.56
N ILE B 210 1.29 -9.55 21.24
CA ILE B 210 0.58 -10.79 20.92
C ILE B 210 1.06 -11.36 19.59
N PHE B 211 1.53 -10.51 18.66
CA PHE B 211 2.17 -11.05 17.47
C PHE B 211 3.52 -11.68 17.77
N LYS B 212 4.16 -11.30 18.89
CA LYS B 212 5.49 -11.83 19.18
C LYS B 212 5.42 -13.27 19.68
N HIS B 213 4.42 -13.59 20.50
CA HIS B 213 4.25 -14.97 20.97
C HIS B 213 3.58 -15.87 19.94
N ILE B 214 2.95 -15.30 18.91
CA ILE B 214 2.30 -16.09 17.88
C ILE B 214 3.25 -16.26 16.69
N GLU B 215 3.70 -15.13 16.13
CA GLU B 215 4.60 -15.19 14.97
C GLU B 215 6.02 -15.60 15.36
N GLY B 216 6.40 -15.47 16.63
CA GLY B 216 7.76 -15.78 17.03
C GLY B 216 8.78 -14.76 16.56
N TRP B 217 8.39 -13.50 16.47
CA TRP B 217 9.26 -12.43 15.99
C TRP B 217 10.20 -11.98 17.10
N SER B 218 10.92 -10.89 16.84
CA SER B 218 11.65 -10.19 17.88
C SER B 218 10.72 -9.14 18.50
N ALA B 219 11.26 -8.28 19.35
CA ALA B 219 10.46 -7.16 19.85
C ALA B 219 10.37 -6.03 18.85
N LEU B 220 11.40 -5.87 18.00
CA LEU B 220 11.37 -4.85 16.96
C LEU B 220 10.55 -5.28 15.76
N ASP B 221 10.72 -6.53 15.33
CA ASP B 221 10.01 -7.04 14.16
C ASP B 221 8.50 -6.89 14.30
N ALA B 222 7.99 -6.95 15.53
CA ALA B 222 6.56 -6.73 15.76
C ALA B 222 6.18 -5.28 15.48
N ILE B 223 6.87 -4.34 16.12
CA ILE B 223 6.53 -2.93 15.96
C ILE B 223 6.86 -2.45 14.55
N TYR B 224 7.94 -2.94 13.97
CA TYR B 224 8.20 -2.71 12.55
C TYR B 224 7.01 -3.18 11.70
N PHE B 225 6.56 -4.42 11.94
CA PHE B 225 5.36 -4.92 11.29
C PHE B 225 4.16 -4.00 11.55
N VAL B 226 3.93 -3.64 12.82
CA VAL B 226 2.76 -2.84 13.16
C VAL B 226 2.78 -1.51 12.40
N VAL B 227 3.94 -0.85 12.37
CA VAL B 227 4.03 0.43 11.68
C VAL B 227 3.84 0.24 10.17
N ILE B 228 4.62 -0.67 9.57
CA ILE B 228 4.53 -0.88 8.12
C ILE B 228 3.10 -1.25 7.71
N THR B 229 2.40 -2.00 8.56
CA THR B 229 1.03 -2.40 8.23
C THR B 229 0.07 -1.21 8.30
N LEU B 230 -0.03 -0.58 9.47
CA LEU B 230 -1.07 0.42 9.68
C LEU B 230 -0.73 1.75 9.02
N THR B 231 0.51 1.97 8.60
CA THR B 231 0.83 3.09 7.72
C THR B 231 0.48 2.80 6.27
N THR B 232 -0.26 1.72 6.03
CA THR B 232 -0.62 1.17 4.73
C THR B 232 0.55 1.23 3.76
N ILE B 233 1.75 0.92 4.24
CA ILE B 233 2.89 0.74 3.35
C ILE B 233 2.91 -0.70 2.84
N GLY B 234 2.88 -1.66 3.76
CA GLY B 234 2.69 -3.06 3.42
C GLY B 234 3.74 -3.67 2.51
N PHE B 235 4.97 -3.83 3.01
CA PHE B 235 5.99 -4.49 2.22
C PHE B 235 5.62 -5.94 1.94
N GLY B 236 5.16 -6.65 2.97
CA GLY B 236 4.88 -8.07 2.86
C GLY B 236 6.00 -8.98 3.29
N ASP B 237 7.13 -8.43 3.73
CA ASP B 237 8.21 -9.27 4.23
C ASP B 237 7.78 -10.01 5.50
N TYR B 238 7.04 -9.34 6.38
CA TYR B 238 6.46 -9.99 7.55
C TYR B 238 4.94 -9.81 7.46
N VAL B 239 4.20 -10.91 7.56
CA VAL B 239 2.75 -10.89 7.44
C VAL B 239 2.16 -11.68 8.60
N ALA B 240 1.10 -11.13 9.21
CA ALA B 240 0.43 -11.79 10.31
C ALA B 240 -0.53 -12.88 9.87
N GLY B 241 -1.01 -12.84 8.62
CA GLY B 241 -1.93 -13.84 8.13
C GLY B 241 -1.35 -15.23 7.98
N GLY B 242 -0.01 -15.36 8.09
CA GLY B 242 0.60 -16.68 7.95
C GLY B 242 0.29 -17.60 9.12
N SER B 243 0.49 -17.09 10.34
CA SER B 243 0.22 -17.88 11.55
C SER B 243 -1.27 -17.91 11.87
N LEU B 248 -5.35 -20.86 14.88
CA LEU B 248 -6.65 -21.01 15.54
C LEU B 248 -7.77 -20.72 14.56
N ASP B 249 -7.57 -19.68 13.76
CA ASP B 249 -8.52 -19.04 12.86
C ASP B 249 -9.58 -18.28 13.66
N PHE B 250 -9.52 -18.31 15.01
CA PHE B 250 -10.04 -17.21 15.80
C PHE B 250 -9.16 -15.98 15.63
N TYR B 251 -7.96 -16.20 15.12
CA TYR B 251 -6.90 -15.20 15.05
C TYR B 251 -7.11 -14.22 13.90
N LYS B 252 -7.17 -14.74 12.67
CA LYS B 252 -7.28 -13.85 11.51
C LYS B 252 -8.54 -12.96 11.49
N PRO B 253 -9.70 -13.36 12.02
CA PRO B 253 -10.83 -12.41 12.02
C PRO B 253 -10.59 -11.18 12.88
N VAL B 254 -10.05 -11.36 14.10
CA VAL B 254 -9.78 -10.21 14.95
C VAL B 254 -8.61 -9.40 14.43
N VAL B 255 -7.72 -10.01 13.66
CA VAL B 255 -6.57 -9.27 13.12
C VAL B 255 -7.03 -8.18 12.15
N TRP B 256 -7.83 -8.54 11.15
CA TRP B 256 -8.25 -7.52 10.20
C TRP B 256 -9.17 -6.49 10.87
N PHE B 257 -9.83 -6.87 11.96
CA PHE B 257 -10.56 -5.90 12.77
C PHE B 257 -9.61 -4.90 13.42
N TRP B 258 -8.58 -5.41 14.12
CA TRP B 258 -7.52 -4.55 14.64
C TRP B 258 -6.98 -3.62 13.58
N ILE B 259 -6.76 -4.14 12.36
CA ILE B 259 -6.25 -3.32 11.28
C ILE B 259 -7.21 -2.17 10.99
N LEU B 260 -8.52 -2.46 10.93
CA LEU B 260 -9.52 -1.42 10.69
C LEU B 260 -9.41 -0.30 11.70
N VAL B 261 -9.28 -0.64 12.99
CA VAL B 261 -9.23 0.40 14.00
C VAL B 261 -7.83 0.98 14.08
N GLY B 262 -6.80 0.16 13.85
CA GLY B 262 -5.43 0.67 13.84
C GLY B 262 -5.17 1.59 12.65
N LEU B 263 -5.76 1.30 11.50
CA LEU B 263 -5.70 2.22 10.38
C LEU B 263 -6.36 3.55 10.73
N ALA B 264 -7.49 3.50 11.43
CA ALA B 264 -8.09 4.73 11.93
C ALA B 264 -7.19 5.41 12.95
N TYR B 265 -6.38 4.63 13.67
CA TYR B 265 -5.50 5.24 14.67
C TYR B 265 -4.35 5.98 14.02
N PHE B 266 -3.59 5.32 13.14
CA PHE B 266 -2.50 6.02 12.47
C PHE B 266 -3.01 7.14 11.58
N ALA B 267 -4.26 7.04 11.11
CA ALA B 267 -4.84 8.13 10.34
C ALA B 267 -4.82 9.43 11.14
N ALA B 268 -5.15 9.35 12.43
CA ALA B 268 -5.05 10.54 13.28
C ALA B 268 -3.60 10.83 13.64
N VAL B 269 -2.82 9.79 13.91
CA VAL B 269 -1.41 9.97 14.27
C VAL B 269 -0.65 10.66 13.13
N LEU B 270 -0.76 10.12 11.93
CA LEU B 270 -0.12 10.74 10.77
C LEU B 270 -0.72 12.10 10.45
N SER B 271 -1.97 12.36 10.85
CA SER B 271 -2.55 13.68 10.66
C SER B 271 -2.02 14.66 11.70
N MET B 272 -1.81 14.20 12.93
CA MET B 272 -1.20 15.07 13.94
C MET B 272 0.23 15.41 13.57
N ILE B 273 1.00 14.43 13.10
CA ILE B 273 2.38 14.69 12.69
C ILE B 273 2.42 15.73 11.57
N GLY B 274 1.41 15.72 10.70
CA GLY B 274 1.32 16.76 9.68
C GLY B 274 1.07 18.12 10.27
N ASP B 275 0.24 18.19 11.32
CA ASP B 275 0.00 19.47 12.00
C ASP B 275 1.27 19.99 12.65
N TRP B 276 2.05 19.09 13.26
CA TRP B 276 3.32 19.49 13.85
C TRP B 276 4.26 20.06 12.80
N LEU B 277 4.22 19.51 11.58
CA LEU B 277 5.09 19.98 10.51
C LEU B 277 4.63 21.30 9.90
N ARG B 278 3.34 21.63 10.01
CA ARG B 278 2.90 22.99 9.71
C ARG B 278 3.56 23.98 10.66
N VAL B 279 3.50 23.71 11.97
CA VAL B 279 4.10 24.59 12.95
C VAL B 279 5.59 24.75 12.69
N ILE B 280 6.30 23.63 12.58
CA ILE B 280 7.75 23.65 12.38
C ILE B 280 8.11 24.34 11.06
N ALA B 281 7.23 24.27 10.07
CA ALA B 281 7.46 25.00 8.83
C ALA B 281 7.30 26.50 9.03
N LYS B 282 6.29 26.92 9.78
CA LYS B 282 6.06 28.34 9.98
C LYS B 282 7.04 28.94 10.99
N LYS B 283 7.45 28.16 12.00
CA LYS B 283 8.47 28.63 12.92
C LYS B 283 9.79 28.88 12.20
N THR B 284 10.19 27.94 11.33
CA THR B 284 11.45 28.07 10.60
C THR B 284 11.36 29.01 9.41
N LYS B 285 10.15 29.39 8.97
CA LYS B 285 10.04 30.42 7.95
C LYS B 285 10.34 31.79 8.53
N GLU B 286 9.70 32.13 9.65
CA GLU B 286 9.94 33.41 10.29
C GLU B 286 11.33 33.49 10.89
N ALA B 287 11.91 32.34 11.27
CA ALA B 287 13.23 32.35 11.89
C ALA B 287 14.30 32.79 10.91
N VAL B 288 14.36 32.13 9.73
CA VAL B 288 15.31 32.54 8.71
C VAL B 288 14.95 33.92 8.16
N GLY B 289 13.67 34.27 8.16
CA GLY B 289 13.28 35.61 7.78
C GLY B 289 13.90 36.67 8.66
N GLU B 290 13.88 36.44 9.99
CA GLU B 290 14.53 37.37 10.91
C GLU B 290 16.05 37.25 10.85
N PHE B 291 16.54 36.00 10.83
CA PHE B 291 17.97 35.73 10.67
C PHE B 291 18.61 36.54 9.54
N ARG B 292 18.10 36.38 8.32
CA ARG B 292 18.68 37.10 7.20
C ARG B 292 18.37 38.59 7.25
N ALA B 293 17.25 38.98 7.87
CA ALA B 293 16.87 40.39 7.90
C ALA B 293 17.87 41.22 8.69
N HIS B 294 18.17 40.81 9.93
CA HIS B 294 19.09 41.59 10.73
C HIS B 294 20.52 41.45 10.23
N ALA B 295 21.04 40.21 10.17
CA ALA B 295 22.31 39.84 9.54
C ALA B 295 23.53 40.51 10.18
N ALA B 296 23.33 41.39 11.16
CA ALA B 296 24.44 41.96 11.92
C ALA B 296 24.39 41.55 13.38
N GLU B 297 23.20 41.42 13.96
CA GLU B 297 23.00 40.91 15.31
C GLU B 297 23.81 41.69 16.35
CD CD C . -44.11 6.72 -3.98
C1 OCT D . 19.65 14.70 17.83
C2 OCT D . 18.89 13.37 17.95
C3 OCT D . 19.85 12.26 18.37
C4 OCT D . 19.26 10.90 18.05
C5 OCT D . 17.98 10.69 18.85
C6 OCT D . 17.14 9.58 18.20
C7 OCT D . 15.78 9.50 18.90
C8 OCT D . 15.01 8.27 18.43
C1 D12 E . -21.88 -3.10 -9.33
C2 D12 E . -22.02 -2.33 -8.00
C3 D12 E . -20.77 -2.57 -7.16
C4 D12 E . -21.02 -2.21 -5.71
C5 D12 E . -20.97 -0.70 -5.51
C6 D12 E . -22.33 -0.11 -5.14
C7 D12 E . -22.93 -0.87 -4.00
C8 D12 E . -23.87 0.05 -3.23
C9 D12 E . -23.49 0.03 -1.75
C10 D12 E . -24.75 0.19 -0.92
C11 D12 E . -24.67 1.52 -0.16
C12 D12 E . -25.68 1.54 0.98
C1 D12 F . -20.60 -5.89 -4.74
C2 D12 F . -21.62 -5.29 -3.75
C3 D12 F . -23.02 -5.74 -4.12
C4 D12 F . -24.07 -4.83 -3.49
C5 D12 F . -24.00 -4.85 -1.98
C6 D12 F . -25.41 -5.05 -1.39
C7 D12 F . -26.22 -3.76 -1.60
C8 D12 F . -27.58 -3.89 -0.90
C9 D12 F . -27.44 -3.52 0.57
C10 D12 F . -27.79 -2.04 0.73
C11 D12 F . -28.70 -1.84 1.95
C12 D12 F . -29.12 -0.39 2.03
C1 D10 G . 6.53 9.35 17.37
C2 D10 G . 7.40 8.53 18.31
C3 D10 G . 8.69 8.11 17.60
C4 D10 G . 9.34 6.97 18.39
C5 D10 G . 10.53 6.44 17.63
C6 D10 G . 10.67 4.92 17.81
C7 D10 G . 10.99 4.63 19.27
C8 D10 G . 11.02 3.10 19.47
C9 D10 G . 12.34 2.56 18.93
C10 D10 G . 12.56 1.14 19.46
C5 B7G H . 12.58 0.35 -27.33
O5 B7G H . 11.89 0.73 -28.61
C1 B7G H . 10.52 0.13 -28.74
C2 B7G H . 10.51 -1.43 -28.53
C3 B7G H . 11.63 -2.01 -27.74
C4 B7G H . 12.84 -1.20 -27.33
C6 B7G H . 13.85 1.11 -27.28
O1 B7G H . 10.06 0.39 -29.99
C7 B7G H . 9.03 1.34 -30.08
C8 B7G H . 9.56 2.62 -30.74
C9 B7G H . 8.60 3.80 -30.65
C10 B7G H . 9.33 5.10 -30.40
C11 B7G H . 8.52 6.09 -29.53
C12 B7G H . 9.45 6.79 -28.52
O2 B7G H . 9.29 -1.78 -27.90
O3 B7G H . 12.14 -3.18 -28.47
O4 B7G H . 13.23 -1.56 -26.01
O6 B7G H . 13.70 2.18 -26.38
C13 B7G H . 8.77 7.05 -27.17
K K I . -1.32 2.70 0.61
K K J . 0.93 -0.48 0.06
C1 OCT K . -8.89 -5.84 25.10
C2 OCT K . -8.08 -6.87 24.34
C3 OCT K . -7.64 -8.00 25.28
C4 OCT K . -7.40 -9.28 24.48
C5 OCT K . -6.85 -10.37 25.40
C6 OCT K . -6.86 -11.70 24.67
C7 OCT K . -6.19 -12.76 25.54
C8 OCT K . -7.11 -13.18 26.66
C1 LNK L . -13.04 -11.73 -16.77
C2 LNK L . -13.56 -12.03 -15.37
C3 LNK L . -14.49 -10.91 -14.89
C4 LNK L . -15.19 -11.33 -13.61
C5 LNK L . -16.19 -10.25 -13.16
C27 R16 M . 14.45 25.89 4.03
C28 R16 M . 15.37 24.90 4.76
C29 R16 M . 15.39 23.56 4.04
C30 R16 M . 16.08 22.51 4.90
C31 R16 M . 15.15 22.05 6.04
C32 R16 M . 15.88 21.02 6.92
C33 R16 M . 15.97 19.70 6.17
C34 R16 M . 16.27 18.59 7.18
C35 R16 M . 15.35 17.41 6.92
C36 R16 M . 14.91 16.75 8.22
C37 R16 M . 14.10 17.76 9.08
C38 R16 M . 12.66 17.26 9.24
C39 R16 M . 11.92 18.14 10.22
C40 R16 M . 11.85 19.58 9.77
C41 R16 M . 10.97 19.76 8.52
C42 R16 M . 11.15 21.18 7.96
C27 R16 N . -10.03 -3.34 -17.84
C28 R16 N . -11.16 -3.02 -16.87
C29 R16 N . -11.84 -1.71 -17.30
C30 R16 N . -12.95 -1.33 -16.29
C31 R16 N . -13.22 0.17 -16.37
C32 R16 N . -14.24 0.48 -17.46
C33 R16 N . -13.86 1.77 -18.18
C34 R16 N . -14.38 2.98 -17.40
C35 R16 N . -15.90 3.08 -17.58
C36 R16 N . -16.20 3.80 -18.89
C37 R16 N . -17.50 3.26 -19.47
C38 R16 N . -18.28 4.40 -20.14
C39 R16 N . -18.97 5.24 -19.08
C40 R16 N . -20.18 4.48 -18.52
C41 R16 N . -20.32 4.76 -17.02
C42 R16 N . -19.30 3.93 -16.24
#